data_2DC1
#
_entry.id   2DC1
#
_cell.length_a   47.520
_cell.length_b   89.580
_cell.length_c   100.490
_cell.angle_alpha   90.00
_cell.angle_beta   90.00
_cell.angle_gamma   90.00
#
_symmetry.space_group_name_H-M   'P 21 21 2'
#
loop_
_entity.id
_entity.type
_entity.pdbx_description
1 polymer 'L-aspartate dehydrogenase'
2 non-polymer 'CITRIC ACID'
3 non-polymer NICOTINAMIDE-ADENINE-DINUCLEOTIDE
4 water water
#
_entity_poly.entity_id   1
_entity_poly.type   'polypeptide(L)'
_entity_poly.pdbx_seq_one_letter_code
;MLVGLIGYGAIGKFLAEWLERNGFEIAAILDVRGEHEKMVRGIDEFLQREMDVAVEAASQQAVKDYAEKILKAGIDLIVL
STGAFADRDFLSRVREVCRKTGRRVYIASGAIGGLDAIFSASELIEEIVLTTRKNWRQFGRKGVIFEGSASEAAQKFPKN
LNVAATLSIASGKDVKVRLVADEVEENIHEILVRGEFGEMEIRVRNRPMRENPKTSYLAALSVTRILRNLKEGLVV
;
_entity_poly.pdbx_strand_id   A,B
#
loop_
_chem_comp.id
_chem_comp.type
_chem_comp.name
_chem_comp.formula
CIT non-polymer 'CITRIC ACID' 'C6 H8 O7'
NAD non-polymer NICOTINAMIDE-ADENINE-DINUCLEOTIDE 'C21 H27 N7 O14 P2'
#
# COMPACT_ATOMS: atom_id res chain seq x y z
N MET A 1 -15.78 14.08 -6.14
CA MET A 1 -15.36 12.94 -7.00
C MET A 1 -16.57 12.07 -7.30
N LEU A 2 -16.67 11.63 -8.55
CA LEU A 2 -17.77 10.80 -9.03
C LEU A 2 -17.36 9.33 -9.04
N VAL A 3 -18.06 8.51 -8.25
CA VAL A 3 -17.72 7.09 -8.17
C VAL A 3 -18.85 6.14 -8.54
N GLY A 4 -18.55 5.22 -9.45
CA GLY A 4 -19.55 4.24 -9.86
C GLY A 4 -19.28 2.95 -9.09
N LEU A 5 -20.33 2.33 -8.58
CA LEU A 5 -20.19 1.09 -7.84
C LEU A 5 -20.78 -0.10 -8.58
N ILE A 6 -20.01 -1.17 -8.69
CA ILE A 6 -20.48 -2.38 -9.34
C ILE A 6 -20.57 -3.43 -8.24
N GLY A 7 -21.80 -3.78 -7.88
CA GLY A 7 -22.02 -4.75 -6.82
C GLY A 7 -22.65 -4.02 -5.64
N TYR A 8 -23.86 -4.42 -5.27
CA TYR A 8 -24.54 -3.77 -4.14
C TYR A 8 -24.89 -4.80 -3.09
N GLY A 9 -23.87 -5.55 -2.69
CA GLY A 9 -24.02 -6.57 -1.67
C GLY A 9 -23.44 -6.01 -0.38
N ALA A 10 -22.86 -6.87 0.45
CA ALA A 10 -22.28 -6.43 1.73
C ALA A 10 -21.32 -5.25 1.57
N ILE A 11 -20.35 -5.38 0.68
CA ILE A 11 -19.38 -4.30 0.49
C ILE A 11 -19.98 -3.09 -0.21
N GLY A 12 -20.78 -3.33 -1.24
CA GLY A 12 -21.41 -2.26 -1.99
C GLY A 12 -22.32 -1.40 -1.13
N LYS A 13 -23.13 -2.03 -0.28
CA LYS A 13 -24.06 -1.30 0.58
C LYS A 13 -23.28 -0.40 1.52
N PHE A 14 -22.19 -0.93 2.07
CA PHE A 14 -21.33 -0.18 2.98
C PHE A 14 -20.72 1.02 2.26
N LEU A 15 -20.13 0.77 1.09
CA LEU A 15 -19.49 1.80 0.29
C LEU A 15 -20.45 2.90 -0.16
N ALA A 16 -21.68 2.53 -0.51
CA ALA A 16 -22.66 3.52 -0.95
C ALA A 16 -22.87 4.55 0.16
N GLU A 17 -23.02 4.08 1.39
CA GLU A 17 -23.20 5.00 2.52
C GLU A 17 -21.91 5.75 2.83
N TRP A 18 -20.78 5.05 2.76
CA TRP A 18 -19.50 5.68 3.04
C TRP A 18 -19.27 6.86 2.11
N LEU A 19 -19.57 6.66 0.82
CA LEU A 19 -19.39 7.70 -0.18
C LEU A 19 -20.25 8.92 0.11
N GLU A 20 -21.53 8.68 0.36
CA GLU A 20 -22.47 9.77 0.65
C GLU A 20 -22.07 10.48 1.94
N ARG A 21 -21.53 9.71 2.87
CA ARG A 21 -21.10 10.23 4.17
C ARG A 21 -19.79 11.01 4.10
N ASN A 22 -18.94 10.70 3.12
CA ASN A 22 -17.65 11.38 2.99
C ASN A 22 -17.54 12.37 1.84
N GLY A 23 -18.65 13.01 1.50
CA GLY A 23 -18.63 14.00 0.43
C GLY A 23 -18.47 13.52 -1.00
N PHE A 24 -18.50 12.21 -1.22
CA PHE A 24 -18.37 11.68 -2.57
C PHE A 24 -19.73 11.64 -3.25
N GLU A 25 -19.74 11.60 -4.57
CA GLU A 25 -20.97 11.56 -5.34
C GLU A 25 -21.06 10.21 -6.06
N ILE A 26 -22.18 9.52 -5.90
CA ILE A 26 -22.40 8.23 -6.54
C ILE A 26 -22.94 8.46 -7.96
N ALA A 27 -22.17 8.03 -8.96
CA ALA A 27 -22.58 8.19 -10.35
C ALA A 27 -23.66 7.18 -10.71
N ALA A 28 -23.46 5.95 -10.26
CA ALA A 28 -24.40 4.87 -10.52
C ALA A 28 -23.98 3.61 -9.76
N ILE A 29 -24.94 2.72 -9.54
CA ILE A 29 -24.67 1.46 -8.85
C ILE A 29 -25.20 0.35 -9.74
N LEU A 30 -24.33 -0.58 -10.14
CA LEU A 30 -24.72 -1.68 -11.00
C LEU A 30 -24.88 -2.99 -10.25
N ASP A 31 -26.03 -3.63 -10.40
CA ASP A 31 -26.30 -4.90 -9.74
C ASP A 31 -27.59 -5.51 -10.31
N VAL A 32 -27.66 -6.84 -10.32
CA VAL A 32 -28.82 -7.54 -10.84
C VAL A 32 -29.96 -7.57 -9.82
N ARG A 33 -29.62 -7.44 -8.54
CA ARG A 33 -30.61 -7.43 -7.47
C ARG A 33 -30.43 -6.16 -6.64
N GLY A 34 -31.35 -5.93 -5.69
CA GLY A 34 -31.26 -4.77 -4.85
C GLY A 34 -31.86 -3.50 -5.41
N GLU A 35 -32.14 -2.54 -4.53
CA GLU A 35 -32.74 -1.27 -4.94
C GLU A 35 -31.97 -0.06 -4.44
N HIS A 36 -31.92 0.99 -5.26
CA HIS A 36 -31.23 2.23 -4.89
C HIS A 36 -31.53 3.31 -5.94
N GLU A 37 -31.50 4.57 -5.50
CA GLU A 37 -31.78 5.70 -6.37
C GLU A 37 -30.88 5.75 -7.61
N LYS A 38 -29.65 5.26 -7.47
CA LYS A 38 -28.70 5.28 -8.58
C LYS A 38 -28.48 3.89 -9.19
N MET A 39 -29.35 2.95 -8.85
CA MET A 39 -29.26 1.58 -9.34
C MET A 39 -29.54 1.41 -10.83
N VAL A 40 -28.79 0.50 -11.46
CA VAL A 40 -28.95 0.18 -12.87
C VAL A 40 -28.73 -1.33 -12.96
N ARG A 41 -29.25 -1.94 -14.03
CA ARG A 41 -29.12 -3.39 -14.18
C ARG A 41 -28.08 -3.86 -15.19
N GLY A 42 -27.69 -2.99 -16.12
CA GLY A 42 -26.72 -3.39 -17.11
C GLY A 42 -25.49 -2.51 -17.20
N ILE A 43 -24.38 -3.08 -17.64
CA ILE A 43 -23.13 -2.35 -17.79
C ILE A 43 -23.30 -1.15 -18.73
N ASP A 44 -24.17 -1.27 -19.72
CA ASP A 44 -24.38 -0.17 -20.66
C ASP A 44 -24.98 1.05 -19.96
N GLU A 45 -25.94 0.83 -19.07
CA GLU A 45 -26.54 1.97 -18.36
C GLU A 45 -25.46 2.59 -17.50
N PHE A 46 -24.74 1.72 -16.80
CA PHE A 46 -23.66 2.12 -15.90
C PHE A 46 -22.66 3.04 -16.60
N LEU A 47 -22.16 2.59 -17.75
CA LEU A 47 -21.18 3.36 -18.51
C LEU A 47 -21.65 4.63 -19.19
N GLN A 48 -22.95 4.92 -19.11
CA GLN A 48 -23.46 6.14 -19.72
C GLN A 48 -23.24 7.32 -18.79
N ARG A 49 -23.06 7.03 -17.51
CA ARG A 49 -22.83 8.05 -16.50
C ARG A 49 -21.34 8.42 -16.51
N GLU A 50 -21.04 9.70 -16.36
CA GLU A 50 -19.64 10.12 -16.31
C GLU A 50 -19.16 9.83 -14.90
N MET A 51 -17.94 9.33 -14.76
CA MET A 51 -17.41 9.03 -13.43
C MET A 51 -15.88 9.05 -13.40
N ASP A 52 -15.34 9.46 -12.25
CA ASP A 52 -13.89 9.54 -12.09
C ASP A 52 -13.26 8.17 -11.88
N VAL A 53 -14.01 7.26 -11.26
CA VAL A 53 -13.52 5.92 -11.01
C VAL A 53 -14.67 4.94 -10.73
N ALA A 54 -14.45 3.68 -11.06
CA ALA A 54 -15.46 2.65 -10.83
C ALA A 54 -14.88 1.62 -9.85
N VAL A 55 -15.71 1.17 -8.93
CA VAL A 55 -15.30 0.19 -7.93
C VAL A 55 -16.00 -1.16 -8.18
N GLU A 56 -15.21 -2.22 -8.31
CA GLU A 56 -15.78 -3.55 -8.51
C GLU A 56 -15.79 -4.31 -7.19
N ALA A 57 -17.00 -4.58 -6.70
CA ALA A 57 -17.21 -5.32 -5.45
C ALA A 57 -18.38 -6.25 -5.76
N ALA A 58 -18.22 -7.10 -6.77
CA ALA A 58 -19.28 -7.99 -7.17
C ALA A 58 -18.86 -9.44 -7.23
N SER A 59 -18.00 -9.78 -8.19
CA SER A 59 -17.53 -11.15 -8.36
C SER A 59 -16.39 -11.20 -9.36
N GLN A 60 -15.70 -12.34 -9.44
CA GLN A 60 -14.60 -12.48 -10.39
C GLN A 60 -15.12 -12.39 -11.81
N GLN A 61 -16.29 -12.97 -12.06
CA GLN A 61 -16.88 -12.94 -13.39
C GLN A 61 -17.21 -11.52 -13.84
N ALA A 62 -17.63 -10.67 -12.90
CA ALA A 62 -17.93 -9.29 -13.22
C ALA A 62 -16.67 -8.59 -13.76
N VAL A 63 -15.53 -8.89 -13.15
CA VAL A 63 -14.28 -8.28 -13.59
C VAL A 63 -14.01 -8.70 -15.03
N LYS A 64 -14.16 -10.00 -15.29
CA LYS A 64 -13.93 -10.53 -16.63
C LYS A 64 -14.91 -9.99 -17.64
N ASP A 65 -16.16 -9.77 -17.21
CA ASP A 65 -17.19 -9.25 -18.11
C ASP A 65 -17.15 -7.74 -18.34
N TYR A 66 -16.75 -6.99 -17.31
CA TYR A 66 -16.76 -5.52 -17.43
C TYR A 66 -15.45 -4.76 -17.52
N ALA A 67 -14.39 -5.26 -16.88
CA ALA A 67 -13.10 -4.58 -16.85
C ALA A 67 -12.67 -3.83 -18.12
N GLU A 68 -12.63 -4.54 -19.25
CA GLU A 68 -12.19 -3.92 -20.50
C GLU A 68 -13.14 -2.82 -20.99
N LYS A 69 -14.44 -3.07 -20.88
CA LYS A 69 -15.42 -2.06 -21.30
C LYS A 69 -15.26 -0.79 -20.47
N ILE A 70 -15.08 -0.94 -19.16
CA ILE A 70 -14.93 0.22 -18.29
C ILE A 70 -13.67 1.02 -18.63
N LEU A 71 -12.55 0.32 -18.83
CA LEU A 71 -11.30 0.98 -19.15
C LEU A 71 -11.36 1.66 -20.51
N LYS A 72 -11.97 0.99 -21.48
CA LYS A 72 -12.11 1.57 -22.81
C LYS A 72 -13.02 2.77 -22.79
N ALA A 73 -13.90 2.83 -21.79
CA ALA A 73 -14.84 3.93 -21.65
C ALA A 73 -14.14 5.14 -21.02
N GLY A 74 -12.86 4.99 -20.70
CA GLY A 74 -12.10 6.08 -20.11
C GLY A 74 -12.20 6.17 -18.59
N ILE A 75 -12.53 5.05 -17.95
CA ILE A 75 -12.68 5.02 -16.50
C ILE A 75 -11.70 4.05 -15.82
N ASP A 76 -11.06 4.52 -14.76
CA ASP A 76 -10.13 3.67 -14.02
C ASP A 76 -10.93 2.70 -13.15
N LEU A 77 -10.35 1.53 -12.89
CA LEU A 77 -11.03 0.50 -12.11
C LEU A 77 -10.34 0.03 -10.84
N ILE A 78 -11.09 0.02 -9.74
CA ILE A 78 -10.59 -0.47 -8.45
C ILE A 78 -11.16 -1.89 -8.38
N VAL A 79 -10.30 -2.89 -8.24
CA VAL A 79 -10.74 -4.27 -8.20
C VAL A 79 -10.59 -4.95 -6.84
N LEU A 80 -11.62 -5.67 -6.43
CA LEU A 80 -11.63 -6.44 -5.19
C LEU A 80 -11.61 -7.94 -5.50
N SER A 81 -12.35 -8.34 -6.53
CA SER A 81 -12.40 -9.75 -6.92
C SER A 81 -11.19 -10.10 -7.78
N THR A 82 -10.01 -9.80 -7.23
CA THR A 82 -8.73 -10.02 -7.91
C THR A 82 -8.51 -11.44 -8.38
N GLY A 83 -9.29 -12.38 -7.86
CA GLY A 83 -9.15 -13.77 -8.27
C GLY A 83 -9.37 -13.89 -9.77
N ALA A 84 -10.10 -12.95 -10.35
CA ALA A 84 -10.35 -12.95 -11.78
C ALA A 84 -9.02 -12.93 -12.54
N PHE A 85 -8.02 -12.30 -11.95
CA PHE A 85 -6.71 -12.19 -12.60
C PHE A 85 -5.88 -13.46 -12.47
N ALA A 86 -6.41 -14.48 -11.78
CA ALA A 86 -5.68 -15.72 -11.63
C ALA A 86 -5.50 -16.25 -13.05
N ASP A 87 -6.37 -15.82 -13.94
CA ASP A 87 -6.30 -16.21 -15.35
C ASP A 87 -5.24 -15.29 -15.94
N ARG A 88 -4.06 -15.85 -16.23
CA ARG A 88 -2.95 -15.07 -16.76
C ARG A 88 -3.27 -14.35 -18.06
N ASP A 89 -3.93 -15.05 -18.97
CA ASP A 89 -4.28 -14.48 -20.27
C ASP A 89 -5.18 -13.25 -20.11
N PHE A 90 -6.16 -13.35 -19.23
CA PHE A 90 -7.06 -12.23 -19.00
C PHE A 90 -6.26 -11.07 -18.40
N LEU A 91 -5.45 -11.38 -17.40
CA LEU A 91 -4.63 -10.37 -16.74
C LEU A 91 -3.77 -9.62 -17.74
N SER A 92 -3.15 -10.35 -18.67
CA SER A 92 -2.30 -9.76 -19.67
C SER A 92 -3.12 -8.85 -20.58
N ARG A 93 -4.28 -9.34 -21.00
CA ARG A 93 -5.16 -8.58 -21.87
C ARG A 93 -5.57 -7.27 -21.19
N VAL A 94 -5.84 -7.34 -19.89
CA VAL A 94 -6.22 -6.16 -19.13
C VAL A 94 -5.04 -5.19 -19.03
N ARG A 95 -3.84 -5.73 -18.85
CA ARG A 95 -2.65 -4.88 -18.77
C ARG A 95 -2.41 -4.23 -20.13
N GLU A 96 -2.76 -4.96 -21.20
CA GLU A 96 -2.58 -4.46 -22.56
C GLU A 96 -3.49 -3.27 -22.81
N VAL A 97 -4.74 -3.40 -22.35
CA VAL A 97 -5.73 -2.34 -22.51
C VAL A 97 -5.31 -1.07 -21.79
N CYS A 98 -4.79 -1.22 -20.57
CA CYS A 98 -4.33 -0.08 -19.79
C CYS A 98 -3.21 0.65 -20.53
N ARG A 99 -2.32 -0.12 -21.14
CA ARG A 99 -1.20 0.46 -21.87
C ARG A 99 -1.67 1.41 -22.98
N LYS A 100 -2.59 0.95 -23.81
CA LYS A 100 -3.09 1.74 -24.92
C LYS A 100 -4.05 2.88 -24.55
N THR A 101 -4.85 2.66 -23.51
CA THR A 101 -5.82 3.65 -23.07
C THR A 101 -5.26 4.63 -22.04
N GLY A 102 -4.17 4.26 -21.38
CA GLY A 102 -3.58 5.12 -20.37
C GLY A 102 -4.36 4.98 -19.07
N ARG A 103 -5.23 3.97 -19.03
CA ARG A 103 -6.06 3.70 -17.86
C ARG A 103 -5.29 2.93 -16.78
N ARG A 104 -5.85 2.90 -15.57
CA ARG A 104 -5.24 2.18 -14.46
C ARG A 104 -6.22 1.25 -13.80
N VAL A 105 -5.70 0.14 -13.27
CA VAL A 105 -6.48 -0.84 -12.53
C VAL A 105 -5.84 -0.93 -11.15
N TYR A 106 -6.58 -0.52 -10.12
CA TYR A 106 -6.08 -0.57 -8.76
C TYR A 106 -6.49 -1.83 -8.04
N ILE A 107 -5.50 -2.52 -7.47
CA ILE A 107 -5.75 -3.72 -6.71
C ILE A 107 -6.00 -3.32 -5.25
N ALA A 108 -7.21 -3.54 -4.77
CA ALA A 108 -7.55 -3.21 -3.39
C ALA A 108 -6.75 -4.14 -2.48
N SER A 109 -6.24 -3.61 -1.37
CA SER A 109 -5.45 -4.42 -0.45
C SER A 109 -6.30 -5.50 0.21
N GLY A 110 -7.62 -5.42 0.03
CA GLY A 110 -8.53 -6.41 0.56
C GLY A 110 -8.51 -6.75 2.04
N ALA A 111 -8.65 -8.04 2.35
CA ALA A 111 -8.70 -8.52 3.74
C ALA A 111 -7.36 -8.68 4.44
N ILE A 112 -6.28 -8.16 3.86
CA ILE A 112 -4.98 -8.27 4.50
C ILE A 112 -4.23 -6.94 4.45
N GLY A 113 -3.11 -6.89 5.15
CA GLY A 113 -2.26 -5.71 5.17
C GLY A 113 -0.88 -6.21 4.81
N GLY A 114 0.03 -5.31 4.43
CA GLY A 114 1.37 -5.75 4.10
C GLY A 114 1.65 -5.93 2.61
N LEU A 115 0.66 -5.68 1.77
CA LEU A 115 0.87 -5.78 0.33
C LEU A 115 1.93 -4.77 -0.08
N ASP A 116 2.00 -3.66 0.65
CA ASP A 116 2.98 -2.62 0.35
C ASP A 116 4.41 -3.16 0.48
N ALA A 117 4.71 -3.78 1.60
CA ALA A 117 6.04 -4.34 1.81
C ALA A 117 6.32 -5.49 0.84
N ILE A 118 5.34 -6.36 0.65
CA ILE A 118 5.51 -7.50 -0.24
C ILE A 118 5.83 -7.10 -1.68
N PHE A 119 5.10 -6.11 -2.19
CA PHE A 119 5.35 -5.65 -3.56
C PHE A 119 6.71 -4.94 -3.59
N SER A 120 7.02 -4.20 -2.54
CA SER A 120 8.30 -3.51 -2.47
C SER A 120 9.46 -4.50 -2.64
N ALA A 121 9.39 -5.63 -1.95
CA ALA A 121 10.46 -6.64 -1.97
C ALA A 121 10.26 -7.81 -2.95
N SER A 122 9.25 -7.72 -3.80
CA SER A 122 8.96 -8.80 -4.73
C SER A 122 10.18 -9.36 -5.45
N GLU A 123 11.06 -8.48 -5.92
CA GLU A 123 12.25 -8.90 -6.64
C GLU A 123 13.15 -9.82 -5.79
N LEU A 124 13.08 -9.68 -4.48
CA LEU A 124 13.92 -10.47 -3.59
C LEU A 124 13.19 -11.50 -2.73
N ILE A 125 11.97 -11.86 -3.11
CA ILE A 125 11.23 -12.84 -2.34
C ILE A 125 11.64 -14.26 -2.73
N GLU A 126 11.99 -15.08 -1.74
CA GLU A 126 12.38 -16.45 -2.01
C GLU A 126 11.31 -17.43 -1.60
N GLU A 127 10.53 -17.06 -0.58
CA GLU A 127 9.47 -17.94 -0.11
C GLU A 127 8.31 -17.12 0.46
N ILE A 128 7.09 -17.49 0.10
CA ILE A 128 5.92 -16.78 0.60
C ILE A 128 4.78 -17.78 0.72
N VAL A 129 4.17 -17.81 1.90
CA VAL A 129 3.08 -18.74 2.18
C VAL A 129 1.93 -18.05 2.88
N LEU A 130 0.71 -18.45 2.51
CA LEU A 130 -0.52 -17.90 3.08
C LEU A 130 -1.30 -19.02 3.76
N THR A 131 -1.76 -18.76 4.99
CA THR A 131 -2.57 -19.72 5.72
C THR A 131 -3.85 -18.99 6.11
N THR A 132 -4.98 -19.49 5.62
CA THR A 132 -6.26 -18.89 5.89
C THR A 132 -7.12 -19.79 6.77
N ARG A 133 -7.73 -19.21 7.81
CA ARG A 133 -8.60 -19.95 8.70
C ARG A 133 -9.93 -19.23 8.76
N LYS A 134 -11.00 -19.92 8.39
CA LYS A 134 -12.33 -19.32 8.39
C LYS A 134 -13.39 -20.31 8.86
N ASN A 135 -14.58 -19.81 9.15
CA ASN A 135 -15.66 -20.65 9.63
C ASN A 135 -15.96 -21.83 8.71
N TRP A 136 -16.01 -23.02 9.30
CA TRP A 136 -16.26 -24.27 8.58
C TRP A 136 -17.62 -24.40 7.90
N ARG A 137 -18.65 -23.80 8.47
CA ARG A 137 -20.01 -23.91 7.92
C ARG A 137 -20.15 -23.83 6.40
N GLN A 138 -19.46 -22.89 5.77
CA GLN A 138 -19.53 -22.76 4.32
C GLN A 138 -18.96 -23.99 3.64
N PHE A 139 -17.88 -24.53 4.20
CA PHE A 139 -17.23 -25.73 3.64
C PHE A 139 -17.98 -26.99 4.06
N GLY A 140 -18.90 -26.84 5.01
CA GLY A 140 -19.65 -27.99 5.50
C GLY A 140 -18.74 -29.04 6.12
N ARG A 141 -17.49 -28.68 6.33
CA ARG A 141 -16.50 -29.58 6.92
C ARG A 141 -15.39 -28.78 7.61
N LYS A 142 -14.81 -29.36 8.65
CA LYS A 142 -13.71 -28.71 9.36
C LYS A 142 -12.42 -29.43 8.97
N GLY A 143 -11.29 -28.80 9.26
CA GLY A 143 -10.01 -29.40 8.93
C GLY A 143 -9.34 -28.71 7.75
N VAL A 144 -8.23 -29.29 7.29
CA VAL A 144 -7.52 -28.73 6.16
C VAL A 144 -8.36 -28.94 4.89
N ILE A 145 -8.79 -27.84 4.29
CA ILE A 145 -9.63 -27.91 3.09
C ILE A 145 -8.77 -27.98 1.83
N PHE A 146 -7.64 -27.29 1.84
CA PHE A 146 -6.73 -27.27 0.70
C PHE A 146 -5.32 -26.87 1.11
N GLU A 147 -4.34 -27.44 0.42
CA GLU A 147 -2.95 -27.16 0.67
C GLU A 147 -2.20 -27.33 -0.65
N GLY A 148 -1.71 -26.22 -1.19
CA GLY A 148 -1.00 -26.26 -2.45
C GLY A 148 -0.70 -24.86 -2.94
N SER A 149 -0.51 -24.71 -4.25
CA SER A 149 -0.19 -23.41 -4.84
C SER A 149 -1.45 -22.58 -5.06
N ALA A 150 -1.27 -21.27 -5.13
CA ALA A 150 -2.38 -20.34 -5.35
C ALA A 150 -3.06 -20.59 -6.70
N SER A 151 -2.28 -20.94 -7.72
CA SER A 151 -2.85 -21.21 -9.03
C SER A 151 -3.77 -22.42 -8.97
N GLU A 152 -3.32 -23.45 -8.26
CA GLU A 152 -4.10 -24.68 -8.09
C GLU A 152 -5.35 -24.37 -7.26
N ALA A 153 -5.19 -23.55 -6.23
CA ALA A 153 -6.31 -23.18 -5.38
C ALA A 153 -7.39 -22.47 -6.20
N ALA A 154 -6.94 -21.59 -7.08
CA ALA A 154 -7.84 -20.84 -7.94
C ALA A 154 -8.68 -21.78 -8.80
N GLN A 155 -8.11 -22.91 -9.17
CA GLN A 155 -8.80 -23.91 -9.99
C GLN A 155 -9.93 -24.60 -9.23
N LYS A 156 -9.65 -25.00 -7.99
CA LYS A 156 -10.65 -25.69 -7.18
C LYS A 156 -11.51 -24.75 -6.35
N PHE A 157 -11.20 -23.46 -6.37
CA PHE A 157 -11.97 -22.49 -5.61
C PHE A 157 -12.24 -21.22 -6.38
N PRO A 158 -13.10 -21.31 -7.42
CA PRO A 158 -13.44 -20.12 -8.21
C PRO A 158 -14.20 -19.10 -7.35
N LYS A 159 -14.25 -17.87 -7.83
CA LYS A 159 -14.91 -16.75 -7.14
C LYS A 159 -14.60 -16.62 -5.65
N ASN A 160 -13.43 -17.09 -5.26
CA ASN A 160 -12.98 -16.98 -3.88
C ASN A 160 -11.47 -16.92 -3.89
N LEU A 161 -10.87 -16.83 -2.71
CA LEU A 161 -9.41 -16.78 -2.58
C LEU A 161 -8.76 -15.65 -3.36
N ASN A 162 -9.31 -14.45 -3.23
CA ASN A 162 -8.75 -13.30 -3.91
C ASN A 162 -7.43 -12.91 -3.26
N VAL A 163 -7.33 -13.07 -1.95
CA VAL A 163 -6.11 -12.73 -1.23
C VAL A 163 -4.93 -13.49 -1.83
N ALA A 164 -5.12 -14.78 -2.10
CA ALA A 164 -4.06 -15.59 -2.70
C ALA A 164 -3.67 -15.04 -4.07
N ALA A 165 -4.66 -14.61 -4.85
CA ALA A 165 -4.41 -14.06 -6.17
C ALA A 165 -3.61 -12.75 -6.05
N THR A 166 -4.02 -11.89 -5.14
CA THR A 166 -3.35 -10.60 -4.93
C THR A 166 -1.91 -10.81 -4.47
N LEU A 167 -1.70 -11.76 -3.57
CA LEU A 167 -0.37 -12.04 -3.06
C LEU A 167 0.52 -12.57 -4.18
N SER A 168 -0.06 -13.34 -5.10
CA SER A 168 0.69 -13.90 -6.24
C SER A 168 1.10 -12.78 -7.21
N ILE A 169 0.18 -11.83 -7.44
CA ILE A 169 0.46 -10.72 -8.35
C ILE A 169 1.52 -9.81 -7.74
N ALA A 170 1.37 -9.53 -6.45
CA ALA A 170 2.31 -8.67 -5.74
C ALA A 170 3.72 -9.25 -5.62
N SER A 171 3.80 -10.53 -5.27
CA SER A 171 5.09 -11.20 -5.08
C SER A 171 5.74 -11.70 -6.35
N GLY A 172 4.93 -12.01 -7.36
CA GLY A 172 5.49 -12.54 -8.60
C GLY A 172 5.81 -14.02 -8.44
N LYS A 173 5.30 -14.60 -7.34
CA LYS A 173 5.52 -16.01 -7.04
C LYS A 173 4.16 -16.71 -6.94
N ASP A 174 4.16 -18.03 -7.13
CA ASP A 174 2.93 -18.81 -7.02
C ASP A 174 2.79 -19.19 -5.55
N VAL A 175 2.28 -18.24 -4.75
CA VAL A 175 2.12 -18.41 -3.32
C VAL A 175 1.58 -19.76 -2.85
N LYS A 176 2.20 -20.31 -1.80
CA LYS A 176 1.76 -21.58 -1.23
C LYS A 176 0.55 -21.25 -0.35
N VAL A 177 -0.54 -21.97 -0.55
CA VAL A 177 -1.74 -21.70 0.23
C VAL A 177 -2.27 -22.90 1.03
N ARG A 178 -2.71 -22.62 2.25
CA ARG A 178 -3.27 -23.63 3.14
C ARG A 178 -4.57 -23.05 3.69
N LEU A 179 -5.70 -23.63 3.28
CA LEU A 179 -7.00 -23.18 3.72
C LEU A 179 -7.54 -24.09 4.82
N VAL A 180 -7.90 -23.50 5.95
CA VAL A 180 -8.41 -24.28 7.07
C VAL A 180 -9.81 -23.87 7.50
N ALA A 181 -10.66 -24.87 7.71
CA ALA A 181 -12.04 -24.63 8.17
C ALA A 181 -12.05 -24.92 9.66
N ASP A 182 -12.46 -23.93 10.45
CA ASP A 182 -12.45 -24.11 11.90
C ASP A 182 -13.66 -23.44 12.53
N GLU A 183 -13.81 -23.66 13.85
CA GLU A 183 -14.89 -23.06 14.61
C GLU A 183 -14.43 -21.66 14.99
N VAL A 184 -14.26 -20.81 13.98
CA VAL A 184 -13.82 -19.45 14.21
C VAL A 184 -14.90 -18.48 13.77
N GLU A 185 -14.99 -17.36 14.48
CA GLU A 185 -16.00 -16.34 14.19
C GLU A 185 -15.37 -15.20 13.40
N GLU A 186 -14.06 -15.26 13.21
CA GLU A 186 -13.32 -14.25 12.47
C GLU A 186 -12.62 -14.86 11.27
N ASN A 187 -12.29 -14.03 10.28
CA ASN A 187 -11.58 -14.50 9.09
C ASN A 187 -10.10 -14.22 9.35
N ILE A 188 -9.32 -15.29 9.48
CA ILE A 188 -7.91 -15.14 9.79
C ILE A 188 -6.97 -15.42 8.62
N HIS A 189 -6.05 -14.49 8.35
CA HIS A 189 -5.09 -14.65 7.27
C HIS A 189 -3.69 -14.44 7.86
N GLU A 190 -2.78 -15.37 7.58
CA GLU A 190 -1.41 -15.24 8.09
C GLU A 190 -0.46 -15.44 6.92
N ILE A 191 0.49 -14.51 6.78
CA ILE A 191 1.43 -14.56 5.68
C ILE A 191 2.87 -14.54 6.16
N LEU A 192 3.68 -15.42 5.59
CA LEU A 192 5.09 -15.52 5.92
C LEU A 192 5.87 -15.28 4.63
N VAL A 193 6.85 -14.38 4.69
CA VAL A 193 7.64 -14.04 3.51
C VAL A 193 9.12 -13.99 3.89
N ARG A 194 9.96 -14.59 3.06
CA ARG A 194 11.40 -14.61 3.32
C ARG A 194 12.15 -14.32 2.03
N GLY A 195 13.27 -13.61 2.14
CA GLY A 195 14.06 -13.29 0.97
C GLY A 195 15.34 -12.54 1.31
N GLU A 196 16.00 -12.02 0.28
CA GLU A 196 17.25 -11.27 0.47
C GLU A 196 17.01 -9.97 1.23
N PHE A 197 15.75 -9.58 1.39
CA PHE A 197 15.38 -8.35 2.10
C PHE A 197 15.25 -8.60 3.60
N GLY A 198 15.11 -9.87 3.97
CA GLY A 198 14.94 -10.25 5.36
C GLY A 198 13.70 -11.13 5.48
N GLU A 199 12.92 -10.94 6.53
CA GLU A 199 11.70 -11.72 6.70
C GLU A 199 10.58 -10.86 7.23
N MET A 200 9.35 -11.27 6.96
CA MET A 200 8.21 -10.54 7.48
C MET A 200 7.06 -11.49 7.67
N GLU A 201 6.31 -11.27 8.74
CA GLU A 201 5.16 -12.09 9.06
C GLU A 201 3.99 -11.14 9.27
N ILE A 202 2.86 -11.47 8.66
CA ILE A 202 1.66 -10.66 8.78
C ILE A 202 0.53 -11.54 9.26
N ARG A 203 -0.19 -11.08 10.28
CA ARG A 203 -1.33 -11.83 10.79
C ARG A 203 -2.52 -10.89 10.93
N VAL A 204 -3.61 -11.24 10.29
CA VAL A 204 -4.81 -10.42 10.37
C VAL A 204 -5.99 -11.25 10.84
N ARG A 205 -6.69 -10.77 11.86
CA ARG A 205 -7.86 -11.44 12.40
C ARG A 205 -9.01 -10.49 12.08
N ASN A 206 -9.75 -10.79 11.00
CA ASN A 206 -10.84 -9.94 10.53
C ASN A 206 -12.25 -10.20 11.05
N ARG A 207 -12.96 -9.11 11.33
CA ARG A 207 -14.34 -9.22 11.78
C ARG A 207 -15.14 -9.40 10.49
N PRO A 208 -16.03 -10.40 10.44
CA PRO A 208 -16.81 -10.60 9.21
C PRO A 208 -17.92 -9.57 9.06
N MET A 209 -18.30 -9.28 7.82
CA MET A 209 -19.38 -8.33 7.57
C MET A 209 -20.71 -9.08 7.77
N ARG A 210 -21.67 -8.44 8.41
CA ARG A 210 -22.97 -9.06 8.67
C ARG A 210 -23.64 -9.61 7.42
N GLU A 211 -23.78 -8.77 6.40
CA GLU A 211 -24.44 -9.15 5.15
C GLU A 211 -23.81 -10.35 4.42
N ASN A 212 -22.54 -10.63 4.69
CA ASN A 212 -21.84 -11.74 4.06
C ASN A 212 -20.61 -12.13 4.88
N PRO A 213 -20.77 -13.07 5.84
CA PRO A 213 -19.73 -13.58 6.74
C PRO A 213 -18.47 -14.06 6.04
N LYS A 214 -18.58 -14.35 4.75
CA LYS A 214 -17.45 -14.81 3.98
C LYS A 214 -16.45 -13.67 3.73
N THR A 215 -16.96 -12.45 3.71
CA THR A 215 -16.15 -11.25 3.46
C THR A 215 -15.71 -10.52 4.73
N SER A 216 -14.41 -10.20 4.78
CA SER A 216 -13.84 -9.47 5.91
C SER A 216 -14.18 -8.00 5.77
N TYR A 217 -14.58 -7.38 6.87
CA TYR A 217 -14.93 -5.97 6.88
C TYR A 217 -13.77 -5.11 6.35
N LEU A 218 -12.55 -5.49 6.70
CA LEU A 218 -11.36 -4.76 6.26
C LEU A 218 -11.32 -4.64 4.73
N ALA A 219 -11.83 -5.65 4.04
CA ALA A 219 -11.84 -5.65 2.58
C ALA A 219 -12.67 -4.48 2.03
N ALA A 220 -13.78 -4.17 2.69
CA ALA A 220 -14.62 -3.06 2.25
C ALA A 220 -13.87 -1.77 2.56
N LEU A 221 -13.24 -1.73 3.72
CA LEU A 221 -12.48 -0.56 4.13
C LEU A 221 -11.30 -0.31 3.20
N SER A 222 -10.70 -1.37 2.68
CA SER A 222 -9.54 -1.24 1.79
C SER A 222 -9.88 -0.38 0.58
N VAL A 223 -11.14 -0.41 0.14
CA VAL A 223 -11.54 0.41 -0.99
C VAL A 223 -11.51 1.90 -0.63
N THR A 224 -11.87 2.24 0.60
CA THR A 224 -11.89 3.63 1.00
C THR A 224 -10.48 4.22 1.04
N ARG A 225 -9.47 3.38 1.27
CA ARG A 225 -8.09 3.85 1.27
C ARG A 225 -7.78 4.35 -0.14
N ILE A 226 -8.12 3.54 -1.14
CA ILE A 226 -7.85 3.91 -2.52
C ILE A 226 -8.61 5.17 -2.91
N LEU A 227 -9.90 5.23 -2.58
CA LEU A 227 -10.71 6.40 -2.90
C LEU A 227 -10.11 7.65 -2.27
N ARG A 228 -9.68 7.55 -1.01
CA ARG A 228 -9.09 8.70 -0.34
C ARG A 228 -7.76 9.12 -0.99
N ASN A 229 -6.96 8.14 -1.38
CA ASN A 229 -5.68 8.41 -2.02
C ASN A 229 -5.84 9.17 -3.34
N LEU A 230 -6.92 8.89 -4.05
CA LEU A 230 -7.19 9.56 -5.32
C LEU A 230 -7.55 11.03 -5.09
N LYS A 231 -8.25 11.28 -4.01
CA LYS A 231 -8.72 12.62 -3.68
C LYS A 231 -7.75 13.53 -2.91
N GLU A 232 -6.89 12.95 -2.07
CA GLU A 232 -5.97 13.76 -1.27
C GLU A 232 -4.56 14.01 -1.80
N GLY A 233 -3.82 14.85 -1.07
CA GLY A 233 -2.45 15.18 -1.44
C GLY A 233 -1.48 14.09 -1.02
N LEU A 234 -1.44 13.78 0.28
CA LEU A 234 -0.56 12.72 0.78
C LEU A 234 -1.21 11.38 0.45
N VAL A 235 -0.44 10.50 -0.18
CA VAL A 235 -0.91 9.18 -0.57
C VAL A 235 -0.18 8.12 0.25
N VAL A 236 -0.94 7.23 0.88
CA VAL A 236 -0.37 6.13 1.67
C VAL A 236 -0.96 4.81 1.22
N MET B 1 10.20 6.98 -18.33
CA MET B 1 9.85 7.84 -17.21
C MET B 1 11.12 8.50 -16.64
N LEU B 2 11.05 9.80 -16.39
CA LEU B 2 12.17 10.55 -15.84
C LEU B 2 12.01 10.73 -14.34
N VAL B 3 13.06 10.41 -13.60
CA VAL B 3 13.02 10.51 -12.14
C VAL B 3 14.17 11.35 -11.57
N GLY B 4 13.84 12.27 -10.67
CA GLY B 4 14.86 13.08 -10.03
C GLY B 4 15.13 12.49 -8.65
N LEU B 5 16.39 12.31 -8.29
CA LEU B 5 16.73 11.75 -7.00
C LEU B 5 17.35 12.80 -6.09
N ILE B 6 16.82 12.92 -4.87
CA ILE B 6 17.37 13.85 -3.91
C ILE B 6 18.00 13.01 -2.82
N GLY B 7 19.33 13.06 -2.74
CA GLY B 7 20.04 12.28 -1.75
C GLY B 7 20.75 11.15 -2.47
N TYR B 8 22.08 11.13 -2.39
CA TYR B 8 22.85 10.11 -3.08
C TYR B 8 23.69 9.30 -2.10
N GLY B 9 23.03 8.76 -1.09
CA GLY B 9 23.71 7.95 -0.09
C GLY B 9 23.40 6.47 -0.33
N ALA B 10 23.22 5.71 0.73
CA ALA B 10 22.93 4.29 0.61
C ALA B 10 21.71 4.04 -0.29
N ILE B 11 20.57 4.65 0.05
CA ILE B 11 19.36 4.46 -0.75
C ILE B 11 19.45 5.08 -2.16
N GLY B 12 19.89 6.33 -2.24
CA GLY B 12 20.00 7.00 -3.51
C GLY B 12 20.93 6.29 -4.50
N LYS B 13 22.04 5.75 -3.99
CA LYS B 13 22.97 5.05 -4.85
C LYS B 13 22.29 3.79 -5.37
N PHE B 14 21.54 3.12 -4.50
CA PHE B 14 20.80 1.92 -4.91
C PHE B 14 19.78 2.28 -5.98
N LEU B 15 18.99 3.32 -5.72
CA LEU B 15 17.96 3.74 -6.66
C LEU B 15 18.48 4.20 -8.02
N ALA B 16 19.59 4.92 -8.03
CA ALA B 16 20.17 5.37 -9.29
C ALA B 16 20.43 4.17 -10.19
N GLU B 17 21.03 3.13 -9.61
CA GLU B 17 21.34 1.93 -10.38
C GLU B 17 20.06 1.18 -10.74
N TRP B 18 19.13 1.04 -9.79
CA TRP B 18 17.87 0.35 -10.03
C TRP B 18 17.10 0.99 -11.19
N LEU B 19 17.01 2.31 -11.18
CA LEU B 19 16.31 3.05 -12.22
C LEU B 19 16.81 2.68 -13.61
N GLU B 20 18.12 2.73 -13.79
CA GLU B 20 18.74 2.43 -15.08
C GLU B 20 18.67 0.98 -15.54
N ARG B 21 18.48 0.05 -14.61
CA ARG B 21 18.39 -1.35 -14.99
C ARG B 21 16.93 -1.74 -15.22
N ASN B 22 16.03 -0.81 -14.94
CA ASN B 22 14.61 -1.08 -15.06
C ASN B 22 13.84 -0.17 -16.02
N GLY B 23 14.54 0.38 -17.02
CA GLY B 23 13.89 1.22 -18.00
C GLY B 23 13.57 2.66 -17.66
N PHE B 24 13.97 3.13 -16.46
CA PHE B 24 13.71 4.52 -16.08
C PHE B 24 14.93 5.37 -16.44
N GLU B 25 14.74 6.68 -16.51
CA GLU B 25 15.86 7.58 -16.80
C GLU B 25 16.11 8.55 -15.65
N ILE B 26 17.39 8.77 -15.34
CA ILE B 26 17.73 9.70 -14.27
C ILE B 26 17.74 11.12 -14.82
N ALA B 27 16.85 11.95 -14.29
CA ALA B 27 16.75 13.35 -14.72
C ALA B 27 17.87 14.15 -14.08
N ALA B 28 18.14 13.86 -12.81
CA ALA B 28 19.16 14.58 -12.06
C ALA B 28 19.28 14.00 -10.67
N ILE B 29 20.39 14.31 -10.00
CA ILE B 29 20.64 13.83 -8.65
C ILE B 29 21.09 15.02 -7.83
N LEU B 30 20.39 15.30 -6.73
CA LEU B 30 20.73 16.41 -5.85
C LEU B 30 21.31 15.94 -4.52
N ASP B 31 22.51 16.42 -4.21
CA ASP B 31 23.16 16.07 -2.96
C ASP B 31 24.24 17.10 -2.71
N VAL B 32 24.46 17.46 -1.45
CA VAL B 32 25.50 18.44 -1.13
C VAL B 32 26.88 17.82 -1.24
N ARG B 33 26.93 16.49 -1.32
CA ARG B 33 28.20 15.76 -1.43
C ARG B 33 28.04 14.60 -2.41
N GLY B 34 29.17 14.05 -2.86
CA GLY B 34 29.12 12.92 -3.79
C GLY B 34 29.26 13.33 -5.24
N GLU B 35 29.58 12.35 -6.10
CA GLU B 35 29.76 12.62 -7.52
C GLU B 35 28.97 11.66 -8.41
N HIS B 36 28.46 12.19 -9.51
CA HIS B 36 27.71 11.40 -10.49
C HIS B 36 27.51 12.27 -11.72
N GLU B 37 27.42 11.62 -12.88
CA GLU B 37 27.25 12.32 -14.15
C GLU B 37 26.11 13.33 -14.16
N LYS B 38 25.05 13.04 -13.40
CA LYS B 38 23.90 13.93 -13.36
C LYS B 38 23.74 14.65 -12.03
N MET B 39 24.81 14.68 -11.25
CA MET B 39 24.79 15.32 -9.94
C MET B 39 24.72 16.85 -10.03
N VAL B 40 23.92 17.44 -9.14
CA VAL B 40 23.77 18.88 -9.02
C VAL B 40 23.83 19.20 -7.53
N ARG B 41 24.22 20.41 -7.17
CA ARG B 41 24.34 20.77 -5.76
C ARG B 41 23.17 21.55 -5.17
N GLY B 42 22.39 22.19 -6.03
CA GLY B 42 21.27 22.98 -5.54
C GLY B 42 19.91 22.59 -6.09
N ILE B 43 18.87 22.90 -5.33
CA ILE B 43 17.50 22.58 -5.71
C ILE B 43 17.09 23.29 -6.99
N ASP B 44 17.61 24.50 -7.23
CA ASP B 44 17.26 25.24 -8.44
C ASP B 44 17.81 24.54 -9.69
N GLU B 45 19.02 24.01 -9.58
CA GLU B 45 19.62 23.30 -10.72
C GLU B 45 18.76 22.05 -10.97
N PHE B 46 18.40 21.38 -9.89
CA PHE B 46 17.58 20.17 -9.93
C PHE B 46 16.27 20.40 -10.68
N LEU B 47 15.49 21.38 -10.24
CA LEU B 47 14.21 21.68 -10.86
C LEU B 47 14.22 22.22 -12.30
N GLN B 48 15.40 22.47 -12.87
CA GLN B 48 15.45 22.95 -14.26
C GLN B 48 15.41 21.74 -15.18
N ARG B 49 15.62 20.57 -14.60
CA ARG B 49 15.61 19.32 -15.35
C ARG B 49 14.22 18.71 -15.36
N GLU B 50 13.76 18.34 -16.56
CA GLU B 50 12.45 17.74 -16.72
C GLU B 50 12.39 16.38 -16.01
N MET B 51 11.35 16.17 -15.20
CA MET B 51 11.16 14.91 -14.49
C MET B 51 9.68 14.66 -14.18
N ASP B 52 9.30 13.39 -14.09
CA ASP B 52 7.91 13.02 -13.81
C ASP B 52 7.64 12.91 -12.33
N VAL B 53 8.70 12.71 -11.55
CA VAL B 53 8.57 12.57 -10.12
C VAL B 53 9.92 12.71 -9.45
N ALA B 54 9.92 13.18 -8.21
CA ALA B 54 11.16 13.35 -7.47
C ALA B 54 11.17 12.45 -6.25
N VAL B 55 12.30 11.81 -6.01
CA VAL B 55 12.46 10.91 -4.87
C VAL B 55 13.33 11.54 -3.78
N GLU B 56 12.79 11.64 -2.58
CA GLU B 56 13.55 12.16 -1.46
C GLU B 56 14.07 10.98 -0.63
N ALA B 57 15.40 10.83 -0.60
CA ALA B 57 16.07 9.79 0.16
C ALA B 57 17.31 10.50 0.70
N ALA B 58 17.07 11.57 1.43
CA ALA B 58 18.14 12.41 1.98
C ALA B 58 18.06 12.60 3.49
N SER B 59 17.14 13.45 3.93
CA SER B 59 16.95 13.76 5.35
C SER B 59 15.61 14.47 5.57
N GLN B 60 15.20 14.60 6.82
CA GLN B 60 13.96 15.28 7.11
C GLN B 60 14.08 16.74 6.68
N GLN B 61 15.23 17.36 6.93
CA GLN B 61 15.44 18.75 6.55
C GLN B 61 15.24 18.96 5.06
N ALA B 62 15.70 18.00 4.26
CA ALA B 62 15.56 18.10 2.81
C ALA B 62 14.09 18.18 2.43
N VAL B 63 13.25 17.40 3.09
CA VAL B 63 11.81 17.42 2.81
C VAL B 63 11.26 18.82 3.11
N LYS B 64 11.61 19.35 4.27
CA LYS B 64 11.15 20.69 4.66
C LYS B 64 11.67 21.77 3.72
N ASP B 65 12.92 21.67 3.30
CA ASP B 65 13.51 22.68 2.42
C ASP B 65 13.05 22.62 0.98
N TYR B 66 12.87 21.40 0.47
CA TYR B 66 12.51 21.22 -0.93
C TYR B 66 11.06 20.93 -1.27
N ALA B 67 10.33 20.23 -0.38
CA ALA B 67 8.94 19.86 -0.65
C ALA B 67 8.09 20.86 -1.41
N GLU B 68 7.82 22.00 -0.79
CA GLU B 68 6.98 23.02 -1.42
C GLU B 68 7.43 23.46 -2.82
N LYS B 69 8.73 23.66 -2.99
CA LYS B 69 9.26 24.08 -4.29
C LYS B 69 9.02 23.04 -5.37
N ILE B 70 9.27 21.77 -5.04
CA ILE B 70 9.09 20.68 -5.99
C ILE B 70 7.63 20.57 -6.45
N LEU B 71 6.70 20.58 -5.51
CA LEU B 71 5.29 20.49 -5.83
C LEU B 71 4.89 21.69 -6.69
N LYS B 72 5.43 22.87 -6.34
CA LYS B 72 5.16 24.10 -7.07
C LYS B 72 5.67 24.03 -8.51
N ALA B 73 6.75 23.29 -8.73
CA ALA B 73 7.33 23.16 -10.07
C ALA B 73 6.55 22.15 -10.92
N GLY B 74 5.44 21.65 -10.36
CA GLY B 74 4.63 20.69 -11.07
C GLY B 74 5.15 19.27 -10.99
N ILE B 75 5.90 18.96 -9.95
CA ILE B 75 6.48 17.63 -9.79
C ILE B 75 6.03 16.95 -8.51
N ASP B 76 5.55 15.70 -8.62
CA ASP B 76 5.11 14.94 -7.46
C ASP B 76 6.33 14.46 -6.70
N LEU B 77 6.17 14.22 -5.40
CA LEU B 77 7.29 13.83 -4.54
C LEU B 77 7.09 12.57 -3.70
N ILE B 78 8.05 11.64 -3.80
CA ILE B 78 8.03 10.42 -3.01
C ILE B 78 8.89 10.70 -1.76
N VAL B 79 8.31 10.55 -0.57
CA VAL B 79 9.05 10.83 0.67
C VAL B 79 9.43 9.63 1.52
N LEU B 80 10.68 9.62 1.99
CA LEU B 80 11.19 8.56 2.86
C LEU B 80 11.42 9.07 4.27
N SER B 81 11.85 10.32 4.39
CA SER B 81 12.13 10.92 5.69
C SER B 81 10.83 11.55 6.20
N THR B 82 9.83 10.68 6.36
CA THR B 82 8.50 11.07 6.79
C THR B 82 8.44 11.74 8.17
N GLY B 83 9.52 11.62 8.93
CA GLY B 83 9.57 12.23 10.25
C GLY B 83 9.45 13.74 10.17
N ALA B 84 9.69 14.30 8.98
CA ALA B 84 9.58 15.74 8.79
C ALA B 84 8.13 16.14 9.04
N PHE B 85 7.21 15.23 8.78
CA PHE B 85 5.79 15.51 8.95
C PHE B 85 5.31 15.48 10.40
N ALA B 86 6.24 15.27 11.32
CA ALA B 86 5.92 15.27 12.74
C ALA B 86 5.61 16.73 13.05
N ASP B 87 6.23 17.61 12.25
CA ASP B 87 6.02 19.05 12.36
C ASP B 87 4.63 19.27 11.79
N ARG B 88 3.62 19.23 12.67
CA ARG B 88 2.23 19.41 12.27
C ARG B 88 1.97 20.63 11.38
N ASP B 89 2.67 21.73 11.62
CA ASP B 89 2.49 22.93 10.81
C ASP B 89 3.01 22.70 9.40
N PHE B 90 4.21 22.15 9.29
CA PHE B 90 4.79 21.86 7.99
C PHE B 90 3.84 20.94 7.24
N LEU B 91 3.39 19.90 7.93
CA LEU B 91 2.46 18.93 7.35
C LEU B 91 1.22 19.63 6.81
N SER B 92 0.70 20.58 7.58
CA SER B 92 -0.47 21.35 7.17
C SER B 92 -0.18 22.14 5.90
N ARG B 93 0.92 22.88 5.89
CA ARG B 93 1.27 23.67 4.72
C ARG B 93 1.49 22.79 3.50
N VAL B 94 2.09 21.62 3.71
CA VAL B 94 2.34 20.71 2.60
C VAL B 94 1.00 20.25 2.04
N ARG B 95 0.07 19.90 2.93
CA ARG B 95 -1.25 19.49 2.48
C ARG B 95 -1.88 20.66 1.73
N GLU B 96 -1.66 21.88 2.25
CA GLU B 96 -2.23 23.07 1.63
C GLU B 96 -1.67 23.26 0.20
N VAL B 97 -0.36 23.07 0.04
CA VAL B 97 0.25 23.21 -1.28
C VAL B 97 -0.30 22.15 -2.23
N CYS B 98 -0.47 20.93 -1.74
CA CYS B 98 -0.99 19.85 -2.57
C CYS B 98 -2.38 20.17 -3.12
N ARG B 99 -3.23 20.76 -2.30
CA ARG B 99 -4.58 21.10 -2.74
C ARG B 99 -4.57 22.04 -3.95
N LYS B 100 -3.85 23.15 -3.82
CA LYS B 100 -3.76 24.16 -4.87
C LYS B 100 -3.08 23.68 -6.15
N THR B 101 -1.91 23.07 -6.00
CA THR B 101 -1.15 22.60 -7.16
C THR B 101 -1.72 21.30 -7.74
N GLY B 102 -2.48 20.57 -6.92
CA GLY B 102 -3.04 19.32 -7.39
C GLY B 102 -1.93 18.27 -7.45
N ARG B 103 -0.86 18.53 -6.73
CA ARG B 103 0.29 17.62 -6.69
C ARG B 103 0.10 16.57 -5.60
N ARG B 104 0.91 15.52 -5.67
CA ARG B 104 0.85 14.42 -4.71
C ARG B 104 2.17 14.21 -3.98
N VAL B 105 2.08 13.75 -2.74
CA VAL B 105 3.24 13.43 -1.92
C VAL B 105 3.01 11.97 -1.55
N TYR B 106 3.85 11.08 -2.08
CA TYR B 106 3.73 9.65 -1.78
C TYR B 106 4.54 9.28 -0.55
N ILE B 107 3.89 8.68 0.42
CA ILE B 107 4.57 8.25 1.64
C ILE B 107 5.11 6.83 1.45
N ALA B 108 6.42 6.70 1.31
CA ALA B 108 7.03 5.38 1.12
C ALA B 108 6.78 4.51 2.34
N SER B 109 6.46 3.23 2.13
CA SER B 109 6.20 2.34 3.24
C SER B 109 7.49 2.08 4.04
N GLY B 110 8.62 2.37 3.42
CA GLY B 110 9.91 2.20 4.08
C GLY B 110 10.23 0.81 4.59
N ALA B 111 10.76 0.75 5.82
CA ALA B 111 11.17 -0.51 6.46
C ALA B 111 10.05 -1.34 7.10
N ILE B 112 8.79 -0.97 6.86
CA ILE B 112 7.69 -1.74 7.42
C ILE B 112 6.63 -2.04 6.38
N GLY B 113 5.58 -2.72 6.83
CA GLY B 113 4.47 -3.06 5.96
C GLY B 113 3.16 -2.85 6.71
N GLY B 114 2.04 -2.98 6.01
CA GLY B 114 0.75 -2.82 6.67
C GLY B 114 0.16 -1.43 6.65
N LEU B 115 0.86 -0.45 6.09
CA LEU B 115 0.29 0.90 6.03
C LEU B 115 -1.01 0.84 5.23
N ASP B 116 -1.07 -0.06 4.26
CA ASP B 116 -2.27 -0.20 3.46
C ASP B 116 -3.47 -0.54 4.34
N ALA B 117 -3.35 -1.60 5.15
CA ALA B 117 -4.44 -2.00 6.04
C ALA B 117 -4.70 -0.96 7.11
N ILE B 118 -3.64 -0.36 7.63
CA ILE B 118 -3.80 0.63 8.69
C ILE B 118 -4.56 1.86 8.22
N PHE B 119 -4.19 2.39 7.06
CA PHE B 119 -4.90 3.56 6.52
C PHE B 119 -6.33 3.15 6.20
N SER B 120 -6.50 1.96 5.63
CA SER B 120 -7.83 1.46 5.29
C SER B 120 -8.78 1.51 6.49
N ALA B 121 -8.33 0.98 7.62
CA ALA B 121 -9.13 0.93 8.85
C ALA B 121 -8.85 2.08 9.81
N SER B 122 -8.22 3.14 9.33
CA SER B 122 -7.88 4.27 10.18
C SER B 122 -9.05 4.82 11.01
N GLU B 123 -10.26 4.81 10.44
CA GLU B 123 -11.43 5.31 11.15
C GLU B 123 -11.83 4.38 12.30
N LEU B 124 -11.36 3.15 12.25
CA LEU B 124 -11.72 2.16 13.26
C LEU B 124 -10.55 1.61 14.09
N ILE B 125 -9.54 2.43 14.34
CA ILE B 125 -8.40 1.98 15.13
C ILE B 125 -8.50 2.43 16.59
N GLU B 126 -8.42 1.48 17.50
CA GLU B 126 -8.52 1.78 18.92
C GLU B 126 -7.15 1.73 19.60
N GLU B 127 -6.25 0.91 19.07
CA GLU B 127 -4.90 0.77 19.61
C GLU B 127 -3.89 0.44 18.51
N ILE B 128 -2.71 1.06 18.60
CA ILE B 128 -1.64 0.81 17.64
C ILE B 128 -0.32 1.07 18.33
N VAL B 129 0.52 0.04 18.36
CA VAL B 129 1.81 0.11 19.03
C VAL B 129 2.94 -0.37 18.14
N LEU B 130 4.05 0.38 18.13
CA LEU B 130 5.22 0.00 17.36
C LEU B 130 6.35 -0.42 18.30
N THR B 131 6.94 -1.58 18.06
CA THR B 131 8.06 -2.03 18.87
C THR B 131 9.22 -2.19 17.91
N THR B 132 10.27 -1.39 18.12
CA THR B 132 11.45 -1.43 17.27
C THR B 132 12.68 -1.87 18.06
N ARG B 133 13.42 -2.82 17.50
CA ARG B 133 14.64 -3.32 18.13
C ARG B 133 15.78 -3.03 17.16
N LYS B 134 16.82 -2.33 17.63
CA LYS B 134 17.96 -1.97 16.79
C LYS B 134 19.26 -2.33 17.48
N ASN B 135 20.36 -2.32 16.72
CA ASN B 135 21.66 -2.62 17.29
C ASN B 135 21.96 -1.57 18.35
N TRP B 136 22.42 -2.01 19.50
CA TRP B 136 22.70 -1.14 20.65
C TRP B 136 23.84 -0.11 20.55
N ARG B 137 24.87 -0.43 19.78
CA ARG B 137 26.04 0.45 19.66
C ARG B 137 25.79 1.95 19.52
N GLN B 138 24.92 2.32 18.57
CA GLN B 138 24.60 3.72 18.33
C GLN B 138 24.00 4.39 19.56
N PHE B 139 23.50 3.58 20.50
CA PHE B 139 22.88 4.11 21.70
C PHE B 139 23.85 4.15 22.88
N GLY B 140 24.98 3.47 22.73
CA GLY B 140 25.96 3.43 23.80
C GLY B 140 25.57 2.50 24.92
N ARG B 141 24.47 1.75 24.73
CA ARG B 141 24.03 0.80 25.74
C ARG B 141 22.89 -0.10 25.25
N LYS B 142 22.61 -1.15 26.01
CA LYS B 142 21.56 -2.11 25.67
C LYS B 142 20.34 -1.93 26.58
N GLY B 143 19.19 -2.44 26.14
CA GLY B 143 17.98 -2.33 26.93
C GLY B 143 16.92 -1.42 26.33
N VAL B 144 15.81 -1.24 27.05
CA VAL B 144 14.73 -0.39 26.59
C VAL B 144 15.25 1.04 26.59
N ILE B 145 15.25 1.67 25.43
CA ILE B 145 15.76 3.03 25.30
C ILE B 145 14.68 4.09 25.41
N PHE B 146 13.47 3.75 24.97
CA PHE B 146 12.38 4.70 24.99
C PHE B 146 11.00 4.07 24.91
N GLU B 147 10.05 4.66 25.63
CA GLU B 147 8.67 4.22 25.65
C GLU B 147 7.84 5.49 25.76
N GLY B 148 6.91 5.68 24.84
CA GLY B 148 6.07 6.86 24.84
C GLY B 148 5.35 6.99 23.51
N SER B 149 4.84 8.18 23.21
CA SER B 149 4.14 8.40 21.95
C SER B 149 5.13 8.67 20.82
N ALA B 150 4.65 8.57 19.58
CA ALA B 150 5.50 8.80 18.41
C ALA B 150 5.94 10.26 18.38
N SER B 151 5.05 11.16 18.78
CA SER B 151 5.36 12.59 18.78
C SER B 151 6.53 12.90 19.72
N GLU B 152 6.52 12.34 20.92
CA GLU B 152 7.62 12.58 21.84
C GLU B 152 8.86 11.83 21.38
N ALA B 153 8.65 10.72 20.68
CA ALA B 153 9.77 9.94 20.16
C ALA B 153 10.52 10.79 19.12
N ALA B 154 9.76 11.48 18.28
CA ALA B 154 10.32 12.34 17.25
C ALA B 154 11.16 13.46 17.86
N GLN B 155 10.76 13.89 19.06
CA GLN B 155 11.47 14.95 19.76
C GLN B 155 12.78 14.43 20.34
N LYS B 156 12.72 13.26 20.96
CA LYS B 156 13.93 12.69 21.56
C LYS B 156 14.87 12.09 20.53
N PHE B 157 14.35 11.75 19.36
CA PHE B 157 15.19 11.18 18.31
C PHE B 157 14.98 11.91 16.98
N PRO B 158 15.57 13.11 16.86
CA PRO B 158 15.44 13.89 15.63
C PRO B 158 16.11 13.13 14.48
N LYS B 159 15.64 13.36 13.26
CA LYS B 159 16.20 12.73 12.08
C LYS B 159 16.22 11.20 12.11
N ASN B 160 15.45 10.61 13.02
CA ASN B 160 15.38 9.14 13.11
C ASN B 160 13.93 8.67 13.31
N LEU B 161 13.74 7.36 13.36
CA LEU B 161 12.42 6.75 13.56
C LEU B 161 11.31 7.27 12.65
N ASN B 162 11.56 7.28 11.35
CA ASN B 162 10.56 7.74 10.40
C ASN B 162 9.38 6.75 10.36
N VAL B 163 9.65 5.49 10.68
CA VAL B 163 8.61 4.46 10.68
C VAL B 163 7.48 4.87 11.63
N ALA B 164 7.84 5.45 12.77
CA ALA B 164 6.82 5.87 13.73
C ALA B 164 5.99 7.01 13.15
N ALA B 165 6.62 7.92 12.41
CA ALA B 165 5.90 9.04 11.80
C ALA B 165 4.97 8.50 10.71
N THR B 166 5.45 7.54 9.95
CA THR B 166 4.66 6.95 8.88
C THR B 166 3.40 6.30 9.47
N LEU B 167 3.57 5.55 10.56
CA LEU B 167 2.44 4.88 11.20
C LEU B 167 1.43 5.89 11.73
N SER B 168 1.91 7.00 12.29
CA SER B 168 1.02 8.03 12.81
C SER B 168 0.22 8.66 11.67
N ILE B 169 0.88 8.92 10.55
CA ILE B 169 0.23 9.51 9.39
C ILE B 169 -0.87 8.57 8.88
N ALA B 170 -0.51 7.31 8.69
CA ALA B 170 -1.44 6.28 8.19
C ALA B 170 -2.63 6.03 9.12
N SER B 171 -2.37 5.87 10.41
CA SER B 171 -3.43 5.59 11.39
C SER B 171 -4.22 6.81 11.85
N GLY B 172 -3.59 7.97 11.80
CA GLY B 172 -4.26 9.18 12.26
C GLY B 172 -4.21 9.22 13.77
N LYS B 173 -3.37 8.37 14.35
CA LYS B 173 -3.19 8.27 15.79
C LYS B 173 -1.73 8.57 16.12
N ASP B 174 -1.48 9.04 17.34
CA ASP B 174 -0.12 9.32 17.79
C ASP B 174 0.34 7.98 18.38
N VAL B 175 0.79 7.10 17.49
CA VAL B 175 1.23 5.75 17.83
C VAL B 175 2.11 5.62 19.08
N LYS B 176 1.87 4.54 19.83
CA LYS B 176 2.66 4.24 21.02
C LYS B 176 3.95 3.62 20.48
N VAL B 177 5.09 4.05 21.03
CA VAL B 177 6.37 3.55 20.56
C VAL B 177 7.27 3.01 21.67
N ARG B 178 7.93 1.90 21.39
CA ARG B 178 8.87 1.32 22.34
C ARG B 178 10.12 0.94 21.55
N LEU B 179 11.25 1.52 21.93
CA LEU B 179 12.53 1.27 21.27
C LEU B 179 13.48 0.50 22.19
N VAL B 180 14.06 -0.57 21.66
CA VAL B 180 14.99 -1.38 22.45
C VAL B 180 16.30 -1.58 21.70
N ALA B 181 17.41 -1.45 22.41
CA ALA B 181 18.74 -1.64 21.85
C ALA B 181 19.20 -3.03 22.24
N ASP B 182 19.50 -3.85 21.23
CA ASP B 182 19.92 -5.22 21.46
C ASP B 182 21.18 -5.54 20.67
N GLU B 183 21.65 -6.78 20.82
CA GLU B 183 22.84 -7.24 20.11
C GLU B 183 22.50 -7.58 18.66
N VAL B 184 21.22 -7.50 18.31
CA VAL B 184 20.75 -7.81 16.98
C VAL B 184 21.48 -6.97 15.92
N GLU B 185 21.67 -7.53 14.73
CA GLU B 185 22.37 -6.82 13.67
C GLU B 185 21.48 -6.22 12.58
N GLU B 186 20.19 -6.10 12.86
CA GLU B 186 19.27 -5.50 11.89
C GLU B 186 18.10 -4.86 12.62
N ASN B 187 17.37 -3.99 11.93
CA ASN B 187 16.24 -3.33 12.56
C ASN B 187 15.00 -4.22 12.48
N ILE B 188 14.45 -4.57 13.62
CA ILE B 188 13.26 -5.41 13.65
C ILE B 188 12.10 -4.52 14.11
N HIS B 189 11.04 -4.43 13.30
CA HIS B 189 9.89 -3.61 13.64
C HIS B 189 8.68 -4.51 13.83
N GLU B 190 7.95 -4.30 14.93
CA GLU B 190 6.76 -5.08 15.22
C GLU B 190 5.62 -4.09 15.39
N ILE B 191 4.51 -4.33 14.72
CA ILE B 191 3.37 -3.43 14.81
C ILE B 191 2.15 -4.20 15.27
N LEU B 192 1.47 -3.66 16.28
CA LEU B 192 0.26 -4.27 16.81
C LEU B 192 -0.85 -3.27 16.55
N VAL B 193 -1.96 -3.72 15.96
CA VAL B 193 -3.09 -2.84 15.66
C VAL B 193 -4.40 -3.52 16.01
N ARG B 194 -5.27 -2.81 16.73
CA ARG B 194 -6.54 -3.39 17.13
C ARG B 194 -7.67 -2.36 17.01
N GLY B 195 -8.83 -2.83 16.58
CA GLY B 195 -9.97 -1.94 16.42
C GLY B 195 -11.21 -2.69 16.00
N GLU B 196 -12.27 -1.97 15.66
CA GLU B 196 -13.52 -2.60 15.25
C GLU B 196 -13.38 -3.51 14.03
N PHE B 197 -12.35 -3.31 13.23
CA PHE B 197 -12.12 -4.13 12.04
C PHE B 197 -11.56 -5.49 12.45
N GLY B 198 -10.95 -5.55 13.62
CA GLY B 198 -10.36 -6.79 14.09
C GLY B 198 -8.97 -6.52 14.65
N GLU B 199 -8.00 -7.36 14.30
CA GLU B 199 -6.64 -7.18 14.79
C GLU B 199 -5.63 -7.50 13.71
N MET B 200 -4.45 -6.90 13.82
CA MET B 200 -3.38 -7.16 12.86
C MET B 200 -2.02 -7.08 13.55
N GLU B 201 -1.15 -8.03 13.23
CA GLU B 201 0.20 -8.02 13.78
C GLU B 201 1.17 -8.12 12.61
N ILE B 202 2.17 -7.24 12.60
CA ILE B 202 3.18 -7.25 11.56
C ILE B 202 4.55 -7.24 12.18
N ARG B 203 5.43 -8.09 11.67
CA ARG B 203 6.78 -8.17 12.20
C ARG B 203 7.70 -8.21 11.00
N VAL B 204 8.67 -7.31 10.97
CA VAL B 204 9.61 -7.27 9.87
C VAL B 204 11.04 -7.30 10.40
N ARG B 205 11.81 -8.31 9.98
CA ARG B 205 13.20 -8.46 10.38
C ARG B 205 13.95 -8.06 9.12
N ASN B 206 14.52 -6.86 9.14
CA ASN B 206 15.21 -6.32 7.99
C ASN B 206 16.65 -6.74 7.86
N ARG B 207 17.31 -6.23 6.83
CA ARG B 207 18.71 -6.48 6.57
C ARG B 207 19.29 -5.10 6.32
N PRO B 208 20.32 -4.72 7.08
CA PRO B 208 20.91 -3.40 6.91
C PRO B 208 21.64 -3.22 5.58
N MET B 209 21.60 -2.00 5.05
CA MET B 209 22.28 -1.70 3.79
C MET B 209 23.75 -1.48 4.11
N ARG B 210 24.60 -1.96 3.23
CA ARG B 210 26.03 -1.86 3.41
C ARG B 210 26.52 -0.42 3.50
N GLU B 211 25.98 0.44 2.64
CA GLU B 211 26.37 1.85 2.60
C GLU B 211 25.94 2.62 3.84
N ASN B 212 24.92 2.12 4.53
CA ASN B 212 24.42 2.76 5.75
C ASN B 212 23.70 1.73 6.61
N PRO B 213 24.42 1.13 7.58
CA PRO B 213 23.90 0.12 8.51
C PRO B 213 22.65 0.52 9.27
N LYS B 214 22.38 1.81 9.37
CA LYS B 214 21.20 2.25 10.10
C LYS B 214 19.94 2.14 9.25
N THR B 215 20.11 1.95 7.95
CA THR B 215 18.97 1.85 7.03
C THR B 215 18.67 0.43 6.58
N SER B 216 17.38 0.10 6.58
CA SER B 216 16.92 -1.21 6.15
C SER B 216 16.82 -1.30 4.63
N TYR B 217 17.34 -2.38 4.07
CA TYR B 217 17.31 -2.59 2.63
C TYR B 217 15.87 -2.42 2.10
N LEU B 218 14.89 -2.88 2.88
CA LEU B 218 13.49 -2.78 2.45
C LEU B 218 13.08 -1.33 2.18
N ALA B 219 13.63 -0.39 2.97
CA ALA B 219 13.29 1.01 2.78
C ALA B 219 13.64 1.46 1.37
N ALA B 220 14.78 1.01 0.85
CA ALA B 220 15.18 1.39 -0.50
C ALA B 220 14.17 0.78 -1.47
N LEU B 221 13.89 -0.50 -1.28
CA LEU B 221 12.93 -1.19 -2.14
C LEU B 221 11.54 -0.54 -2.10
N SER B 222 11.13 -0.01 -0.95
CA SER B 222 9.81 0.60 -0.83
C SER B 222 9.59 1.71 -1.87
N VAL B 223 10.67 2.35 -2.32
CA VAL B 223 10.55 3.39 -3.33
C VAL B 223 10.29 2.79 -4.71
N THR B 224 10.83 1.60 -4.97
CA THR B 224 10.64 0.97 -6.27
C THR B 224 9.19 0.56 -6.47
N ARG B 225 8.46 0.34 -5.38
CA ARG B 225 7.05 -0.03 -5.48
C ARG B 225 6.26 1.15 -6.02
N ILE B 226 6.55 2.33 -5.50
CA ILE B 226 5.85 3.53 -5.94
C ILE B 226 6.21 3.89 -7.37
N LEU B 227 7.49 3.79 -7.73
CA LEU B 227 7.90 4.10 -9.09
C LEU B 227 7.24 3.15 -10.07
N ARG B 228 7.27 1.85 -9.77
CA ARG B 228 6.65 0.86 -10.64
C ARG B 228 5.16 1.13 -10.82
N ASN B 229 4.48 1.43 -9.72
CA ASN B 229 3.04 1.73 -9.75
C ASN B 229 2.75 2.93 -10.64
N LEU B 230 3.57 3.97 -10.53
CA LEU B 230 3.40 5.18 -11.33
C LEU B 230 3.51 4.87 -12.82
N LYS B 231 4.44 3.99 -13.16
CA LYS B 231 4.70 3.62 -14.54
C LYS B 231 3.75 2.54 -15.11
N GLU B 232 3.16 1.75 -14.22
CA GLU B 232 2.26 0.66 -14.63
C GLU B 232 0.77 0.97 -14.61
N GLY B 233 0.04 0.27 -15.48
CA GLY B 233 -1.41 0.46 -15.52
C GLY B 233 -2.00 -0.24 -14.31
N LEU B 234 -1.42 -1.37 -13.94
CA LEU B 234 -1.88 -2.14 -12.78
C LEU B 234 -1.15 -1.64 -11.54
N VAL B 235 -1.92 -1.12 -10.58
CA VAL B 235 -1.38 -0.56 -9.35
C VAL B 235 -1.60 -1.46 -8.13
N VAL B 236 -0.50 -1.93 -7.55
CA VAL B 236 -0.57 -2.82 -6.39
C VAL B 236 -0.53 -2.02 -5.09
C1 CIT C . -13.00 -15.06 0.08
O1 CIT C . -12.20 -16.04 -0.22
O2 CIT C . -14.14 -15.17 -0.45
C2 CIT C . -12.83 -13.72 0.87
C3 CIT C . -11.61 -13.32 1.77
O7 CIT C . -11.07 -14.67 2.16
C4 CIT C . -10.69 -12.64 0.80
C5 CIT C . -10.40 -13.67 -0.30
O3 CIT C . -9.69 -14.68 0.01
O4 CIT C . -10.96 -13.58 -1.43
C6 CIT C . -11.85 -12.26 2.95
O5 CIT C . -11.34 -12.36 4.09
O6 CIT C . -12.61 -11.23 3.01
PA NAD D . -22.00 -10.02 -1.94
O1A NAD D . -22.53 -9.69 -0.63
O2A NAD D . -22.26 -11.44 -2.43
O5B NAD D . -22.45 -8.97 -3.01
C5B NAD D . -22.08 -9.07 -4.35
C4B NAD D . -23.10 -8.29 -5.18
O4B NAD D . -22.61 -8.31 -6.49
C3B NAD D . -24.42 -9.15 -5.19
O3B NAD D . -25.49 -8.29 -4.88
C2B NAD D . -24.54 -9.66 -6.63
O2B NAD D . -25.87 -9.57 -7.21
C1B NAD D . -23.66 -8.69 -7.41
N9A NAD D . -23.03 -9.21 -8.68
C8A NAD D . -22.22 -10.27 -8.88
N7A NAD D . -21.82 -10.27 -10.13
C5A NAD D . -22.40 -9.27 -10.77
C6A NAD D . -22.34 -8.89 -12.06
N6A NAD D . -21.61 -9.56 -12.95
N1A NAD D . -23.02 -7.80 -12.38
C2A NAD D . -23.77 -7.11 -11.48
N3A NAD D . -23.81 -7.45 -10.16
C4A NAD D . -23.15 -8.57 -9.85
O3 NAD D . -20.39 -10.06 -1.88
PN NAD D . -19.51 -8.94 -1.01
O1N NAD D . -19.11 -9.48 0.30
O2N NAD D . -19.94 -7.57 -1.35
O5D NAD D . -18.32 -8.94 -2.06
C5D NAD D . -17.57 -9.93 -2.31
C4D NAD D . -16.88 -9.58 -3.60
O4D NAD D . -15.66 -8.87 -3.32
C3D NAD D . -16.60 -11.03 -3.89
O3D NAD D . -16.59 -11.33 -5.25
C2D NAD D . -15.23 -11.24 -3.41
O2D NAD D . -14.67 -11.91 -4.51
C1D NAD D . -14.62 -9.83 -3.23
N1N NAD D . -13.82 -9.80 -1.99
C2N NAD D . -12.47 -9.57 -2.09
C3N NAD D . -11.62 -9.48 -1.00
C7N NAD D . -10.16 -9.18 -1.17
O7N NAD D . -9.37 -9.20 0.04
N7N NAD D . -9.60 -8.95 -2.39
C4N NAD D . -12.16 -9.72 0.30
C5N NAD D . -13.51 -9.93 0.41
C6N NAD D . -14.35 -9.98 -0.73
C1 CIT E . 15.92 4.73 11.38
O1 CIT E . 15.26 4.92 12.44
O2 CIT E . 16.94 5.45 11.29
C2 CIT E . 15.60 3.78 10.16
C3 CIT E . 14.49 2.67 10.24
O7 CIT E . 14.27 2.55 11.68
C4 CIT E . 13.37 3.21 9.58
C5 CIT E . 13.01 4.47 10.42
O3 CIT E . 12.38 4.34 11.45
O4 CIT E . 13.42 5.55 10.02
C6 CIT E . 14.73 1.36 9.29
O5 CIT E . 14.57 0.14 9.62
O6 CIT E . 15.28 1.49 8.14
PA NAD F . 22.52 8.26 3.79
O1A NAD F . 23.32 7.09 3.39
O2A NAD F . 23.08 9.14 5.05
O5B NAD F . 22.30 9.24 2.58
C5B NAD F . 21.63 10.52 2.63
C4B NAD F . 22.17 11.42 1.55
O4B NAD F . 21.38 12.60 1.58
C3B NAD F . 23.58 11.92 1.89
O3B NAD F . 24.54 11.83 0.85
C2B NAD F . 23.40 13.37 2.22
O2B NAD F . 24.47 14.28 1.97
C1B NAD F . 22.18 13.72 1.42
N9A NAD F . 21.42 14.83 1.99
C8A NAD F . 20.85 14.93 3.21
N7A NAD F . 20.17 16.12 3.28
C5A NAD F . 20.33 16.76 2.11
C6A NAD F . 19.89 17.98 1.63
N6A NAD F . 19.11 18.73 2.41
N1A NAD F . 20.20 18.31 0.31
C2A NAD F . 20.98 17.49 -0.48
N3A NAD F . 21.47 16.29 0.02
C4A NAD F . 21.12 15.94 1.30
O3 NAD F . 21.12 7.88 4.20
PN NAD F . 20.20 6.64 3.52
O1N NAD F . 20.34 5.46 4.30
O2N NAD F . 20.11 6.82 2.06
O5D NAD F . 18.81 7.27 3.86
C5D NAD F . 18.42 7.88 4.95
C4D NAD F . 17.26 8.82 4.58
O4D NAD F . 16.00 8.23 4.29
C3D NAD F . 17.24 9.35 6.00
O3D NAD F . 16.79 10.66 6.09
C2D NAD F . 16.21 8.60 6.70
O2D NAD F . 15.71 9.69 7.49
C1D NAD F . 15.29 8.07 5.51
N1N NAD F . 14.92 6.67 5.80
C2N NAD F . 13.60 6.36 5.92
C3N NAD F . 13.11 5.10 6.20
C7N NAD F . 11.61 4.81 6.29
O7N NAD F . 11.20 3.42 6.67
N7N NAD F . 10.68 5.76 5.97
C4N NAD F . 14.08 4.05 6.38
C5N NAD F . 15.42 4.37 6.28
C6N NAD F . 15.85 5.69 5.98
#